data_1GGL
#
_entry.id   1GGL
#
_cell.length_a   59.514
_cell.length_b   59.841
_cell.length_c   68.980
_cell.angle_alpha   90.00
_cell.angle_beta   90.00
_cell.angle_gamma   90.00
#
_symmetry.space_group_name_H-M   'P 21 21 21'
#
loop_
_entity.id
_entity.type
_entity.pdbx_description
1 polymer 'PROTEIN (CELLULAR RETINOL-BINDING PROTEIN III)'
2 water water
#
_entity_poly.entity_id   1
_entity_poly.type   'polypeptide(L)'
_entity_poly.pdbx_seq_one_letter_code
;PPNLTGYYRFVSQKNMEDYLQALNISLAVRKIALLLKPDKEIEHQGNHMTVRTLSTFRNYTVQFDVGVEFEEDLRSVDGR
KCQTIVTWEEEHLVCVQKGEVPNRGWRHWLEGEMLYLELTARDAVCEQVFRKVH
;
_entity_poly.pdbx_strand_id   A,B
#
# COMPACT_ATOMS: atom_id res chain seq x y z
N PRO A 1 -16.97 4.74 -27.91
CA PRO A 1 -15.51 4.67 -27.70
C PRO A 1 -14.79 4.41 -29.00
N PRO A 2 -14.07 5.42 -29.52
CA PRO A 2 -13.41 5.09 -30.78
C PRO A 2 -12.32 4.10 -30.36
N ASN A 3 -11.26 4.73 -29.89
CA ASN A 3 -10.03 4.18 -29.38
C ASN A 3 -10.14 4.80 -27.98
N LEU A 4 -10.28 3.97 -26.94
CA LEU A 4 -10.43 4.46 -25.56
C LEU A 4 -9.35 5.42 -25.02
N THR A 5 -8.40 5.84 -25.86
CA THR A 5 -7.35 6.73 -25.37
C THR A 5 -7.86 8.06 -24.83
N GLY A 6 -7.16 8.53 -23.79
CA GLY A 6 -7.49 9.80 -23.17
C GLY A 6 -7.32 9.89 -21.66
N TYR A 7 -7.80 11.01 -21.11
CA TYR A 7 -7.79 11.29 -19.69
C TYR A 7 -9.25 11.54 -19.39
N TYR A 8 -9.73 10.98 -18.28
CA TYR A 8 -11.11 11.11 -17.85
C TYR A 8 -11.14 11.65 -16.41
N ARG A 9 -11.91 12.71 -16.20
CA ARG A 9 -12.03 13.37 -14.93
C ARG A 9 -13.23 12.86 -14.08
N PHE A 10 -12.99 12.68 -12.79
CA PHE A 10 -14.01 12.20 -11.86
C PHE A 10 -15.35 12.95 -11.99
N VAL A 11 -16.45 12.24 -11.77
CA VAL A 11 -17.76 12.83 -11.86
C VAL A 11 -18.69 12.40 -10.71
N SER A 12 -18.72 11.11 -10.40
CA SER A 12 -19.59 10.64 -9.32
C SER A 12 -19.45 9.14 -9.04
N GLN A 13 -19.79 8.71 -7.83
CA GLN A 13 -19.72 7.29 -7.51
C GLN A 13 -20.75 6.93 -6.46
N LYS A 14 -20.76 5.65 -6.10
CA LYS A 14 -21.72 5.15 -5.14
C LYS A 14 -21.40 3.71 -4.69
N ASN A 15 -21.41 3.48 -3.38
CA ASN A 15 -21.16 2.15 -2.83
C ASN A 15 -19.71 1.69 -2.87
N MET A 16 -18.78 2.63 -2.74
CA MET A 16 -17.39 2.23 -2.76
C MET A 16 -17.14 1.34 -1.56
N GLU A 17 -17.71 1.74 -0.43
CA GLU A 17 -17.62 1.04 0.87
C GLU A 17 -17.85 -0.47 0.73
N ASP A 18 -18.95 -0.85 0.10
CA ASP A 18 -19.29 -2.26 -0.09
C ASP A 18 -18.26 -3.02 -0.86
N TYR A 19 -17.75 -2.41 -1.91
CA TYR A 19 -16.74 -3.08 -2.70
C TYR A 19 -15.44 -3.31 -1.93
N LEU A 20 -14.90 -2.28 -1.29
CA LEU A 20 -13.64 -2.40 -0.54
C LEU A 20 -13.74 -3.27 0.71
N GLN A 21 -14.96 -3.51 1.16
CA GLN A 21 -15.21 -4.36 2.31
C GLN A 21 -15.31 -5.82 1.85
N ALA A 22 -15.59 -6.04 0.58
CA ALA A 22 -15.66 -7.39 0.03
C ALA A 22 -14.25 -7.86 -0.29
N LEU A 23 -13.31 -6.93 -0.32
CA LEU A 23 -11.92 -7.25 -0.60
C LEU A 23 -11.16 -7.24 0.72
N ASN A 24 -11.92 -7.14 1.81
CA ASN A 24 -11.42 -7.14 3.19
C ASN A 24 -10.37 -6.08 3.50
N ILE A 25 -10.58 -4.86 3.02
CA ILE A 25 -9.63 -3.77 3.25
C ILE A 25 -9.96 -3.04 4.55
N SER A 26 -8.93 -2.75 5.35
CA SER A 26 -9.07 -2.08 6.65
C SER A 26 -9.92 -0.81 6.65
N LEU A 27 -10.38 -0.45 7.84
CA LEU A 27 -11.23 0.71 8.07
C LEU A 27 -10.47 2.03 7.87
N ALA A 28 -9.25 2.08 8.41
CA ALA A 28 -8.42 3.27 8.31
C ALA A 28 -8.17 3.64 6.86
N VAL A 29 -8.18 2.63 6.00
CA VAL A 29 -7.96 2.82 4.57
C VAL A 29 -9.25 2.93 3.77
N ARG A 30 -10.33 2.38 4.27
CA ARG A 30 -11.53 2.47 3.48
C ARG A 30 -12.51 3.57 3.87
N LYS A 31 -11.95 4.66 4.36
CA LYS A 31 -12.74 5.84 4.72
C LYS A 31 -11.89 7.04 4.31
N ILE A 32 -10.75 6.73 3.70
CA ILE A 32 -9.84 7.73 3.16
C ILE A 32 -10.44 7.75 1.75
N ALA A 33 -10.46 6.55 1.17
CA ALA A 33 -10.96 6.27 -0.17
C ALA A 33 -12.33 6.88 -0.52
N LEU A 34 -13.24 6.90 0.46
CA LEU A 34 -14.58 7.43 0.25
C LEU A 34 -14.59 8.94 0.01
N LEU A 35 -13.45 9.59 0.27
CA LEU A 35 -13.29 11.04 0.12
C LEU A 35 -12.42 11.41 -1.10
N LEU A 36 -11.93 10.39 -1.78
CA LEU A 36 -11.08 10.56 -2.97
C LEU A 36 -11.93 10.89 -4.18
N LYS A 37 -11.29 11.45 -5.19
CA LYS A 37 -11.93 11.81 -6.45
C LYS A 37 -10.96 11.43 -7.58
N PRO A 38 -10.74 10.12 -7.76
CA PRO A 38 -9.84 9.58 -8.78
C PRO A 38 -10.24 9.83 -10.21
N ASP A 39 -9.21 9.86 -11.05
CA ASP A 39 -9.34 10.09 -12.47
C ASP A 39 -8.76 8.86 -13.18
N LYS A 40 -9.14 8.69 -14.44
CA LYS A 40 -8.67 7.58 -15.26
C LYS A 40 -7.83 8.11 -16.42
N GLU A 41 -6.70 7.46 -16.69
CA GLU A 41 -5.87 7.88 -17.81
C GLU A 41 -5.66 6.60 -18.63
N ILE A 42 -5.85 6.69 -19.95
CA ILE A 42 -5.72 5.50 -20.80
C ILE A 42 -4.93 5.66 -22.11
N GLU A 43 -4.06 4.68 -22.38
CA GLU A 43 -3.27 4.63 -23.62
C GLU A 43 -3.79 3.39 -24.32
N HIS A 44 -4.10 3.51 -25.62
CA HIS A 44 -4.68 2.41 -26.38
C HIS A 44 -4.17 2.17 -27.80
N GLN A 45 -3.28 1.22 -27.97
CA GLN A 45 -2.75 0.98 -29.30
C GLN A 45 -3.03 -0.35 -30.01
N GLY A 46 -4.26 -0.44 -30.49
CA GLY A 46 -4.76 -1.59 -31.24
C GLY A 46 -4.49 -2.98 -30.72
N ASN A 47 -5.17 -3.33 -29.63
CA ASN A 47 -5.04 -4.64 -28.97
C ASN A 47 -4.26 -4.60 -27.65
N HIS A 48 -3.51 -3.53 -27.39
CA HIS A 48 -2.75 -3.45 -26.14
C HIS A 48 -3.15 -2.18 -25.38
N MET A 49 -3.41 -2.28 -24.08
CA MET A 49 -3.81 -1.10 -23.30
C MET A 49 -2.99 -0.86 -22.05
N THR A 50 -2.98 0.40 -21.62
CA THR A 50 -2.31 0.81 -20.38
C THR A 50 -3.32 1.69 -19.67
N VAL A 51 -3.88 1.13 -18.59
CA VAL A 51 -4.86 1.81 -17.79
C VAL A 51 -4.30 2.24 -16.41
N ARG A 52 -4.31 3.55 -16.15
CA ARG A 52 -3.83 4.12 -14.90
C ARG A 52 -4.96 4.70 -14.07
N THR A 53 -4.91 4.44 -12.76
CA THR A 53 -5.89 5.01 -11.84
C THR A 53 -5.19 6.02 -10.90
N LEU A 54 -5.48 7.32 -11.07
CA LEU A 54 -4.83 8.37 -10.28
C LEU A 54 -5.63 9.07 -9.15
N SER A 55 -4.96 9.27 -8.00
CA SER A 55 -5.56 9.94 -6.84
C SER A 55 -4.51 10.56 -5.92
N THR A 56 -5.01 11.16 -4.84
CA THR A 56 -4.12 11.83 -3.87
C THR A 56 -3.56 10.93 -2.76
N PHE A 57 -4.01 9.66 -2.72
CA PHE A 57 -3.55 8.69 -1.72
C PHE A 57 -2.39 7.93 -2.36
N ARG A 58 -2.71 7.20 -3.43
CA ARG A 58 -1.77 6.42 -4.22
C ARG A 58 -2.42 6.17 -5.58
N ASN A 59 -1.58 5.90 -6.57
CA ASN A 59 -2.03 5.62 -7.92
C ASN A 59 -1.83 4.12 -8.22
N TYR A 60 -2.64 3.57 -9.13
CA TYR A 60 -2.54 2.16 -9.51
C TYR A 60 -2.44 2.02 -11.03
N THR A 61 -1.51 1.20 -11.51
CA THR A 61 -1.33 1.01 -12.95
C THR A 61 -1.33 -0.47 -13.38
N VAL A 62 -1.87 -0.80 -14.57
CA VAL A 62 -1.90 -2.18 -15.09
C VAL A 62 -1.77 -2.18 -16.64
N GLN A 63 -0.98 -3.12 -17.17
CA GLN A 63 -0.75 -3.25 -18.62
C GLN A 63 -1.24 -4.60 -19.14
N PHE A 64 -1.86 -4.59 -20.32
CA PHE A 64 -2.35 -5.85 -20.87
C PHE A 64 -2.63 -5.88 -22.36
N ASP A 65 -2.83 -7.10 -22.86
CA ASP A 65 -3.19 -7.37 -24.24
C ASP A 65 -4.60 -7.94 -24.06
N VAL A 66 -5.58 -7.36 -24.73
CA VAL A 66 -6.94 -7.88 -24.60
C VAL A 66 -7.04 -9.27 -25.25
N GLY A 67 -7.68 -10.21 -24.57
CA GLY A 67 -7.82 -11.57 -25.10
C GLY A 67 -6.69 -12.52 -24.74
N VAL A 68 -5.71 -12.05 -23.97
CA VAL A 68 -4.60 -12.90 -23.54
C VAL A 68 -4.46 -12.80 -22.02
N GLU A 69 -4.74 -13.92 -21.34
CA GLU A 69 -4.70 -14.03 -19.87
C GLU A 69 -3.33 -13.68 -19.29
N PHE A 70 -3.31 -12.91 -18.19
CA PHE A 70 -2.06 -12.51 -17.57
C PHE A 70 -2.14 -12.46 -16.04
N GLU A 71 -1.00 -12.58 -15.37
CA GLU A 71 -1.04 -12.53 -13.93
C GLU A 71 -0.92 -11.08 -13.59
N GLU A 72 -1.91 -10.60 -12.85
CA GLU A 72 -2.00 -9.21 -12.44
C GLU A 72 -1.54 -9.04 -11.01
N ASP A 73 -0.70 -8.04 -10.78
CA ASP A 73 -0.15 -7.79 -9.46
C ASP A 73 -0.88 -6.71 -8.66
N LEU A 74 -1.83 -7.15 -7.84
CA LEU A 74 -2.67 -6.27 -7.04
C LEU A 74 -2.28 -6.05 -5.57
N ARG A 75 -1.00 -6.17 -5.24
CA ARG A 75 -0.59 -5.95 -3.84
C ARG A 75 -0.64 -4.47 -3.45
N SER A 76 -0.80 -3.60 -4.44
CA SER A 76 -0.84 -2.18 -4.18
C SER A 76 -2.30 -1.88 -3.80
N VAL A 77 -3.16 -2.84 -4.10
CA VAL A 77 -4.58 -2.69 -3.82
C VAL A 77 -5.05 -3.44 -2.59
N ASP A 78 -5.07 -4.77 -2.65
CA ASP A 78 -5.55 -5.57 -1.53
C ASP A 78 -4.55 -6.61 -1.01
N GLY A 79 -3.41 -6.70 -1.72
CA GLY A 79 -2.35 -7.63 -1.35
C GLY A 79 -2.38 -8.93 -2.13
N ARG A 80 -3.37 -9.11 -3.00
CA ARG A 80 -3.48 -10.35 -3.76
C ARG A 80 -2.90 -10.35 -5.18
N LYS A 81 -3.15 -11.43 -5.90
CA LYS A 81 -2.70 -11.58 -7.27
C LYS A 81 -3.74 -12.41 -8.02
N CYS A 82 -3.98 -12.05 -9.28
CA CYS A 82 -4.97 -12.74 -10.08
C CYS A 82 -4.47 -13.10 -11.48
N GLN A 83 -5.25 -13.93 -12.18
CA GLN A 83 -4.95 -14.35 -13.56
C GLN A 83 -6.07 -13.65 -14.34
N THR A 84 -5.84 -12.39 -14.70
CA THR A 84 -6.82 -11.55 -15.41
C THR A 84 -6.91 -11.78 -16.95
N ILE A 85 -8.13 -11.66 -17.48
CA ILE A 85 -8.48 -11.80 -18.90
C ILE A 85 -9.48 -10.70 -19.29
N VAL A 86 -9.12 -9.90 -20.28
CA VAL A 86 -9.98 -8.80 -20.73
C VAL A 86 -10.47 -8.97 -22.17
N THR A 87 -11.77 -8.75 -22.36
CA THR A 87 -12.40 -8.88 -23.67
C THR A 87 -13.35 -7.74 -24.07
N TRP A 88 -13.69 -7.70 -25.36
CA TRP A 88 -14.59 -6.70 -25.87
C TRP A 88 -15.79 -7.36 -26.52
N GLU A 89 -16.93 -7.32 -25.84
CA GLU A 89 -18.16 -7.90 -26.34
C GLU A 89 -19.36 -7.07 -25.94
N GLU A 90 -20.45 -7.23 -26.69
CA GLU A 90 -21.68 -6.51 -26.45
C GLU A 90 -21.39 -5.03 -26.50
N GLU A 91 -20.22 -4.68 -27.02
CA GLU A 91 -19.83 -3.28 -27.15
C GLU A 91 -19.53 -2.59 -25.83
N HIS A 92 -18.56 -3.15 -25.13
CA HIS A 92 -18.06 -2.66 -23.85
C HIS A 92 -16.99 -3.63 -23.33
N LEU A 93 -16.10 -3.12 -22.49
CA LEU A 93 -14.98 -3.88 -21.98
C LEU A 93 -15.29 -4.72 -20.71
N VAL A 94 -14.94 -6.00 -20.76
CA VAL A 94 -15.16 -6.93 -19.65
C VAL A 94 -13.87 -7.61 -19.13
N CYS A 95 -13.66 -7.53 -17.81
CA CYS A 95 -12.50 -8.13 -17.18
C CYS A 95 -12.88 -9.01 -16.01
N VAL A 96 -12.40 -10.25 -16.00
CA VAL A 96 -12.68 -11.13 -14.86
C VAL A 96 -11.34 -11.52 -14.25
N GLN A 97 -11.18 -11.18 -12.98
CA GLN A 97 -9.96 -11.44 -12.24
C GLN A 97 -10.08 -12.75 -11.42
N LYS A 98 -9.70 -13.86 -12.05
CA LYS A 98 -9.76 -15.19 -11.41
C LYS A 98 -8.77 -15.26 -10.27
N GLY A 99 -9.20 -15.84 -9.15
CA GLY A 99 -8.36 -15.95 -7.99
C GLY A 99 -9.15 -16.29 -6.75
N GLU A 100 -8.58 -15.95 -5.59
CA GLU A 100 -9.16 -16.23 -4.27
C GLU A 100 -10.56 -15.70 -3.98
N VAL A 101 -10.89 -14.51 -4.49
CA VAL A 101 -12.21 -13.89 -4.32
C VAL A 101 -13.11 -14.17 -5.54
N PRO A 102 -14.35 -14.64 -5.30
CA PRO A 102 -15.28 -14.93 -6.39
C PRO A 102 -16.02 -13.67 -6.90
N ASN A 103 -16.36 -13.66 -8.18
CA ASN A 103 -17.06 -12.53 -8.80
C ASN A 103 -16.20 -11.27 -8.85
N ARG A 104 -14.88 -11.43 -8.88
CA ARG A 104 -13.99 -10.30 -8.90
C ARG A 104 -13.65 -9.88 -10.32
N GLY A 105 -13.96 -8.63 -10.66
CA GLY A 105 -13.67 -8.11 -11.98
C GLY A 105 -14.30 -6.74 -12.15
N TRP A 106 -14.45 -6.29 -13.39
CA TRP A 106 -15.08 -5.00 -13.67
C TRP A 106 -15.58 -4.86 -15.11
N ARG A 107 -16.31 -3.78 -15.38
CA ARG A 107 -16.85 -3.50 -16.70
C ARG A 107 -16.80 -2.00 -17.04
N HIS A 108 -16.25 -1.69 -18.22
CA HIS A 108 -16.14 -0.31 -18.75
C HIS A 108 -16.99 -0.16 -20.03
N TRP A 109 -17.61 1.00 -20.21
CA TRP A 109 -18.34 1.32 -21.44
C TRP A 109 -18.58 2.81 -21.62
N LEU A 110 -18.77 3.25 -22.86
CA LEU A 110 -18.96 4.66 -23.16
C LEU A 110 -20.28 5.06 -23.76
N GLU A 111 -20.45 6.38 -23.79
CA GLU A 111 -21.61 7.04 -24.34
C GLU A 111 -21.35 8.54 -24.18
N GLY A 112 -21.32 9.27 -25.29
CA GLY A 112 -21.03 10.70 -25.26
C GLY A 112 -19.58 10.90 -24.86
N GLU A 113 -19.36 11.77 -23.87
CA GLU A 113 -18.02 12.06 -23.36
C GLU A 113 -17.95 11.46 -21.97
N MET A 114 -18.83 10.51 -21.70
CA MET A 114 -18.90 9.86 -20.40
C MET A 114 -18.26 8.49 -20.35
N LEU A 115 -17.44 8.26 -19.32
CA LEU A 115 -16.78 6.96 -19.12
C LEU A 115 -17.34 6.25 -17.90
N TYR A 116 -18.20 5.25 -18.13
CA TYR A 116 -18.81 4.48 -17.06
C TYR A 116 -17.96 3.29 -16.61
N LEU A 117 -18.14 2.88 -15.36
CA LEU A 117 -17.37 1.79 -14.77
C LEU A 117 -18.16 1.08 -13.68
N GLU A 118 -17.96 -0.23 -13.57
CA GLU A 118 -18.63 -1.04 -12.57
C GLU A 118 -17.57 -1.97 -11.99
N LEU A 119 -17.53 -2.02 -10.66
CA LEU A 119 -16.59 -2.84 -9.91
C LEU A 119 -17.36 -3.96 -9.20
N THR A 120 -16.79 -5.17 -9.21
CA THR A 120 -17.43 -6.33 -8.58
C THR A 120 -16.47 -7.16 -7.72
N ALA A 121 -17.02 -7.68 -6.62
CA ALA A 121 -16.30 -8.53 -5.66
C ALA A 121 -17.33 -9.21 -4.76
N ARG A 122 -17.39 -10.54 -4.86
CA ARG A 122 -18.33 -11.37 -4.13
C ARG A 122 -19.74 -10.93 -4.51
N ASP A 123 -20.52 -10.41 -3.56
CA ASP A 123 -21.87 -9.96 -3.87
C ASP A 123 -21.96 -8.44 -3.94
N ALA A 124 -20.83 -7.78 -3.70
CA ALA A 124 -20.72 -6.32 -3.70
C ALA A 124 -20.56 -5.69 -5.09
N VAL A 125 -21.40 -4.70 -5.39
CA VAL A 125 -21.35 -4.01 -6.69
C VAL A 125 -21.11 -2.50 -6.48
N CYS A 126 -20.08 -1.97 -7.16
CA CYS A 126 -19.73 -0.54 -7.08
C CYS A 126 -19.81 0.20 -8.42
N GLU A 127 -20.34 1.43 -8.40
CA GLU A 127 -20.49 2.23 -9.62
C GLU A 127 -19.76 3.57 -9.59
N GLN A 128 -19.03 3.88 -10.67
CA GLN A 128 -18.29 5.14 -10.84
C GLN A 128 -18.50 5.75 -12.24
N VAL A 129 -18.35 7.07 -12.34
CA VAL A 129 -18.52 7.78 -13.62
C VAL A 129 -17.43 8.85 -13.80
N PHE A 130 -16.91 8.95 -15.02
CA PHE A 130 -15.85 9.92 -15.39
C PHE A 130 -16.18 10.67 -16.69
N ARG A 131 -15.59 11.85 -16.84
CA ARG A 131 -15.80 12.67 -18.03
C ARG A 131 -14.47 12.88 -18.81
N LYS A 132 -14.45 12.42 -20.05
CA LYS A 132 -13.24 12.54 -20.87
C LYS A 132 -12.89 14.01 -21.02
N VAL A 133 -11.60 14.32 -20.94
CA VAL A 133 -11.15 15.71 -21.08
C VAL A 133 -9.94 15.93 -21.98
N HIS A 134 -9.23 14.84 -22.28
CA HIS A 134 -8.03 14.82 -23.12
C HIS A 134 -7.93 13.38 -23.67
N PRO B 1 27.45 9.80 21.15
CA PRO B 1 26.72 8.61 20.65
C PRO B 1 27.24 8.02 19.35
N PRO B 2 26.99 6.72 19.12
CA PRO B 2 27.48 6.09 17.90
C PRO B 2 26.82 6.51 16.59
N ASN B 3 27.62 6.27 15.55
CA ASN B 3 27.35 6.56 14.15
C ASN B 3 26.60 5.32 13.60
N LEU B 4 25.28 5.30 13.75
CA LEU B 4 24.51 4.15 13.28
C LEU B 4 24.56 3.89 11.76
N THR B 5 25.30 4.73 11.02
CA THR B 5 25.38 4.61 9.56
C THR B 5 25.71 3.21 9.04
N GLY B 6 25.03 2.82 7.96
CA GLY B 6 25.28 1.52 7.36
C GLY B 6 24.07 0.78 6.77
N TYR B 7 24.32 -0.46 6.34
CA TYR B 7 23.29 -1.32 5.80
C TYR B 7 23.31 -2.60 6.61
N TYR B 8 22.16 -2.97 7.16
CA TYR B 8 22.05 -4.17 7.99
C TYR B 8 21.17 -5.24 7.37
N ARG B 9 21.74 -6.44 7.22
CA ARG B 9 21.04 -7.57 6.63
C ARG B 9 20.15 -8.33 7.63
N PHE B 10 19.02 -8.83 7.14
CA PHE B 10 18.06 -9.58 7.96
C PHE B 10 18.70 -10.76 8.68
N VAL B 11 18.24 -11.07 9.88
CA VAL B 11 18.79 -12.22 10.62
C VAL B 11 17.73 -13.12 11.25
N SER B 12 16.72 -12.51 11.86
CA SER B 12 15.65 -13.27 12.52
C SER B 12 14.54 -12.33 13.03
N GLN B 13 13.38 -12.90 13.35
CA GLN B 13 12.24 -12.15 13.88
C GLN B 13 11.20 -13.05 14.49
N LYS B 14 10.36 -12.47 15.35
CA LYS B 14 9.31 -13.24 16.01
C LYS B 14 8.07 -12.40 16.43
N ASN B 15 6.88 -12.88 16.09
CA ASN B 15 5.61 -12.24 16.44
C ASN B 15 5.17 -11.09 15.55
N MET B 16 5.60 -11.13 14.30
CA MET B 16 5.23 -10.11 13.35
C MET B 16 3.71 -10.04 13.20
N GLU B 17 3.06 -11.19 13.29
CA GLU B 17 1.61 -11.27 13.14
C GLU B 17 0.83 -10.44 14.18
N ASP B 18 1.28 -10.50 15.44
CA ASP B 18 0.64 -9.79 16.55
C ASP B 18 0.78 -8.28 16.49
N TYR B 19 1.85 -7.83 15.86
CA TYR B 19 2.10 -6.42 15.71
C TYR B 19 1.17 -5.86 14.61
N LEU B 20 1.24 -6.45 13.41
CA LEU B 20 0.43 -6.03 12.25
C LEU B 20 -1.09 -6.18 12.43
N GLN B 21 -1.47 -6.98 13.42
CA GLN B 21 -2.86 -7.22 13.73
C GLN B 21 -3.36 -6.14 14.70
N ALA B 22 -2.42 -5.55 15.44
CA ALA B 22 -2.72 -4.48 16.38
C ALA B 22 -2.94 -3.18 15.59
N LEU B 23 -2.34 -3.13 14.40
CA LEU B 23 -2.48 -1.97 13.52
C LEU B 23 -3.61 -2.22 12.51
N ASN B 24 -4.41 -3.27 12.79
CA ASN B 24 -5.54 -3.68 11.96
C ASN B 24 -5.22 -3.76 10.46
N ILE B 25 -4.20 -4.55 10.15
CA ILE B 25 -3.79 -4.74 8.76
C ILE B 25 -4.43 -6.03 8.20
N SER B 26 -4.95 -5.90 6.97
CA SER B 26 -5.61 -6.95 6.18
C SER B 26 -5.00 -8.31 6.44
N LEU B 27 -5.83 -9.34 6.29
CA LEU B 27 -5.45 -10.74 6.48
C LEU B 27 -4.44 -11.16 5.42
N ALA B 28 -4.82 -10.92 4.17
CA ALA B 28 -4.01 -11.25 3.00
C ALA B 28 -2.64 -10.57 3.05
N VAL B 29 -2.63 -9.31 3.43
CA VAL B 29 -1.41 -8.51 3.54
C VAL B 29 -0.58 -9.00 4.72
N ARG B 30 -1.26 -9.63 5.67
CA ARG B 30 -0.58 -10.13 6.85
C ARG B 30 0.15 -11.44 6.59
N LYS B 31 -0.28 -12.18 5.58
CA LYS B 31 0.36 -13.46 5.25
C LYS B 31 1.59 -13.39 4.37
N ILE B 32 1.70 -12.37 3.52
CA ILE B 32 2.88 -12.27 2.66
C ILE B 32 3.93 -11.37 3.30
N ALA B 33 3.58 -10.78 4.44
CA ALA B 33 4.51 -9.91 5.16
C ALA B 33 5.41 -10.84 5.94
N LEU B 34 4.84 -11.96 6.35
CA LEU B 34 5.57 -12.95 7.12
C LEU B 34 6.66 -13.51 6.23
N LEU B 35 6.38 -13.56 4.92
CA LEU B 35 7.33 -14.07 3.93
C LEU B 35 8.41 -13.07 3.53
N LEU B 36 8.43 -11.91 4.19
CA LEU B 36 9.41 -10.88 3.88
C LEU B 36 10.65 -11.11 4.72
N LYS B 37 11.74 -10.54 4.25
CA LYS B 37 13.05 -10.61 4.89
C LYS B 37 13.63 -9.20 4.65
N PRO B 38 13.05 -8.17 5.33
CA PRO B 38 13.46 -6.76 5.23
C PRO B 38 14.87 -6.43 5.72
N ASP B 39 15.48 -5.41 5.11
CA ASP B 39 16.82 -4.96 5.48
C ASP B 39 16.72 -3.49 5.89
N LYS B 40 17.75 -2.98 6.57
CA LYS B 40 17.78 -1.60 7.04
C LYS B 40 19.00 -0.81 6.57
N GLU B 41 18.77 0.42 6.12
CA GLU B 41 19.85 1.30 5.66
C GLU B 41 19.75 2.65 6.39
N ILE B 42 20.85 3.02 7.06
CA ILE B 42 20.92 4.25 7.84
C ILE B 42 22.05 5.23 7.43
N GLU B 43 21.67 6.47 7.14
CA GLU B 43 22.66 7.50 6.86
C GLU B 43 22.45 8.35 8.09
N HIS B 44 23.44 8.33 8.95
CA HIS B 44 23.40 9.01 10.22
C HIS B 44 24.51 10.02 10.34
N GLN B 45 24.14 11.30 10.45
CA GLN B 45 25.11 12.39 10.56
C GLN B 45 24.82 13.31 11.79
N GLY B 46 25.30 12.90 12.97
CA GLY B 46 25.17 13.62 14.24
C GLY B 46 24.06 14.64 14.46
N ASN B 47 22.86 14.16 14.74
CA ASN B 47 21.64 14.95 14.99
C ASN B 47 20.53 14.72 13.95
N HIS B 48 20.90 14.14 12.80
CA HIS B 48 19.93 13.84 11.73
C HIS B 48 20.10 12.40 11.27
N MET B 49 18.96 11.79 10.92
CA MET B 49 18.93 10.42 10.45
C MET B 49 17.87 10.17 9.37
N THR B 50 18.19 9.20 8.51
CA THR B 50 17.32 8.74 7.44
C THR B 50 17.37 7.23 7.70
N VAL B 51 16.20 6.61 7.84
CA VAL B 51 16.10 5.19 8.09
C VAL B 51 15.24 4.45 7.05
N ARG B 52 15.95 3.66 6.23
CA ARG B 52 15.35 2.89 5.14
C ARG B 52 15.07 1.42 5.46
N THR B 53 13.84 1.01 5.14
CA THR B 53 13.36 -0.35 5.30
C THR B 53 13.03 -0.81 3.87
N LEU B 54 13.60 -1.94 3.46
CA LEU B 54 13.40 -2.40 2.10
C LEU B 54 12.98 -3.86 1.94
N SER B 55 11.84 -4.09 1.29
CA SER B 55 11.33 -5.44 1.01
C SER B 55 10.92 -5.47 -0.47
N THR B 56 10.52 -6.65 -0.96
CA THR B 56 10.10 -6.85 -2.36
C THR B 56 8.57 -7.04 -2.27
N PHE B 57 7.88 -5.97 -1.95
CA PHE B 57 6.43 -5.97 -1.76
C PHE B 57 6.27 -4.47 -1.87
N ARG B 58 6.41 -3.78 -0.73
CA ARG B 58 6.48 -2.33 -0.72
C ARG B 58 7.93 -2.11 -0.27
N ASN B 59 8.16 -0.99 0.39
CA ASN B 59 9.50 -0.59 0.76
C ASN B 59 9.24 0.80 1.40
N TYR B 60 9.66 1.06 2.63
CA TYR B 60 9.33 2.37 3.25
C TYR B 60 10.48 3.17 3.93
N THR B 61 10.54 4.49 3.70
CA THR B 61 11.58 5.40 4.27
C THR B 61 11.06 6.50 5.22
N VAL B 62 11.86 6.86 6.21
CA VAL B 62 11.47 7.91 7.16
C VAL B 62 12.67 8.79 7.52
N GLN B 63 12.43 10.08 7.69
CA GLN B 63 13.48 11.04 8.03
C GLN B 63 13.17 11.88 9.29
N PHE B 64 14.20 12.28 10.01
CA PHE B 64 13.94 13.08 11.20
C PHE B 64 15.14 13.70 11.86
N ASP B 65 14.82 14.51 12.86
CA ASP B 65 15.77 15.22 13.68
C ASP B 65 15.38 14.85 15.10
N VAL B 66 16.30 14.27 15.87
CA VAL B 66 15.96 13.89 17.24
C VAL B 66 15.48 15.09 18.06
N GLY B 67 14.51 14.85 18.95
CA GLY B 67 14.01 15.92 19.78
C GLY B 67 13.10 16.93 19.09
N VAL B 68 12.62 16.63 17.89
CA VAL B 68 11.73 17.52 17.16
C VAL B 68 10.59 16.71 16.58
N GLU B 69 9.40 17.01 17.09
CA GLU B 69 8.19 16.35 16.68
C GLU B 69 7.92 16.72 15.22
N PHE B 70 7.42 15.73 14.46
CA PHE B 70 7.08 15.87 13.05
C PHE B 70 5.92 14.95 12.72
N GLU B 71 5.15 15.28 11.68
CA GLU B 71 4.02 14.43 11.24
C GLU B 71 4.59 13.36 10.31
N GLU B 72 4.47 12.09 10.72
CA GLU B 72 4.97 10.98 9.95
C GLU B 72 3.90 10.37 9.06
N ASP B 73 4.17 10.37 7.75
CA ASP B 73 3.26 9.82 6.74
C ASP B 73 3.41 8.29 6.64
N LEU B 74 2.42 7.57 7.14
CA LEU B 74 2.47 6.10 7.14
C LEU B 74 1.39 5.42 6.31
N ARG B 75 0.95 6.06 5.23
CA ARG B 75 -0.08 5.45 4.40
C ARG B 75 0.50 4.27 3.63
N SER B 76 1.84 4.17 3.63
CA SER B 76 2.54 3.09 2.96
C SER B 76 2.39 1.82 3.80
N VAL B 77 2.37 1.99 5.11
CA VAL B 77 2.25 0.88 6.04
C VAL B 77 0.83 0.54 6.50
N ASP B 78 0.20 1.41 7.31
CA ASP B 78 -1.16 1.11 7.80
C ASP B 78 -2.22 2.13 7.37
N GLY B 79 -1.81 3.07 6.52
CA GLY B 79 -2.75 4.06 6.02
C GLY B 79 -3.08 5.23 6.95
N ARG B 80 -2.34 5.39 8.04
CA ARG B 80 -2.59 6.48 8.97
C ARG B 80 -1.45 7.52 8.99
N LYS B 81 -1.48 8.40 9.97
CA LYS B 81 -0.42 9.39 10.15
C LYS B 81 -0.30 9.67 11.64
N CYS B 82 0.91 10.02 12.08
CA CYS B 82 1.15 10.29 13.49
C CYS B 82 2.10 11.46 13.73
N GLN B 83 2.08 12.02 14.93
CA GLN B 83 3.01 13.09 15.27
C GLN B 83 4.06 12.24 15.98
N THR B 84 5.22 12.09 15.35
CA THR B 84 6.28 11.26 15.90
C THR B 84 7.36 12.11 16.60
N ILE B 85 8.16 11.47 17.47
CA ILE B 85 9.27 12.12 18.19
C ILE B 85 10.33 11.07 18.47
N VAL B 86 11.57 11.34 18.07
CA VAL B 86 12.64 10.41 18.30
C VAL B 86 13.72 11.01 19.19
N THR B 87 14.19 10.22 20.17
CA THR B 87 15.23 10.70 21.04
C THR B 87 16.35 9.67 21.18
N TRP B 88 17.29 9.99 22.05
CA TRP B 88 18.46 9.16 22.31
C TRP B 88 18.58 9.18 23.82
N GLU B 89 18.25 8.08 24.47
CA GLU B 89 18.33 8.02 25.93
C GLU B 89 18.45 6.57 26.36
N GLU B 90 19.23 6.34 27.43
CA GLU B 90 19.50 5.00 27.96
C GLU B 90 20.31 4.29 26.89
N GLU B 91 21.05 5.09 26.13
CA GLU B 91 21.88 4.61 25.05
C GLU B 91 21.20 3.61 24.11
N HIS B 92 20.31 4.16 23.28
CA HIS B 92 19.56 3.45 22.25
C HIS B 92 18.50 4.43 21.77
N LEU B 93 18.00 4.21 20.55
CA LEU B 93 17.00 5.08 19.91
C LEU B 93 15.55 4.82 20.36
N VAL B 94 14.84 5.86 20.80
CA VAL B 94 13.45 5.71 21.27
C VAL B 94 12.48 6.58 20.46
N CYS B 95 11.39 5.96 19.97
CA CYS B 95 10.36 6.63 19.17
C CYS B 95 8.91 6.35 19.58
N VAL B 96 8.10 7.38 19.68
CA VAL B 96 6.70 7.20 20.03
C VAL B 96 5.84 7.91 18.99
N GLN B 97 4.89 7.14 18.46
CA GLN B 97 4.00 7.64 17.42
C GLN B 97 2.60 7.82 18.00
N LYS B 98 2.35 9.01 18.53
CA LYS B 98 1.07 9.33 19.13
C LYS B 98 0.03 9.38 18.01
N GLY B 99 -1.16 8.86 18.26
CA GLY B 99 -2.17 8.84 17.23
C GLY B 99 -3.34 7.97 17.58
N GLU B 100 -4.01 7.45 16.55
CA GLU B 100 -5.19 6.61 16.69
C GLU B 100 -5.03 5.30 17.49
N VAL B 101 -3.81 4.74 17.50
CA VAL B 101 -3.50 3.47 18.20
C VAL B 101 -2.59 3.71 19.41
N PRO B 102 -2.96 3.17 20.58
CA PRO B 102 -2.16 3.34 21.79
C PRO B 102 -0.90 2.49 21.82
N ASN B 103 0.09 2.98 22.58
CA ASN B 103 1.39 2.31 22.76
C ASN B 103 2.14 1.98 21.48
N ARG B 104 2.00 2.85 20.48
CA ARG B 104 2.64 2.69 19.17
C ARG B 104 3.97 3.41 19.11
N GLY B 105 5.03 2.68 18.75
CA GLY B 105 6.37 3.24 18.66
C GLY B 105 7.37 2.11 18.46
N TRP B 106 8.65 2.39 18.64
CA TRP B 106 9.70 1.39 18.50
C TRP B 106 11.02 1.78 19.19
N ARG B 107 11.94 0.82 19.26
CA ARG B 107 13.25 1.04 19.87
C ARG B 107 14.35 0.28 19.13
N HIS B 108 15.49 0.95 18.94
CA HIS B 108 16.67 0.38 18.26
C HIS B 108 17.89 0.45 19.17
N TRP B 109 18.61 -0.66 19.30
CA TRP B 109 19.83 -0.67 20.13
C TRP B 109 20.84 -1.67 19.56
N LEU B 110 22.12 -1.46 19.87
CA LEU B 110 23.21 -2.31 19.39
C LEU B 110 23.80 -3.20 20.45
N GLU B 111 24.19 -4.41 20.03
CA GLU B 111 24.89 -5.37 20.90
C GLU B 111 26.16 -5.67 20.11
N GLY B 112 27.01 -4.65 20.01
CA GLY B 112 28.25 -4.75 19.28
C GLY B 112 28.03 -4.58 17.78
N GLU B 113 27.82 -5.70 17.10
CA GLU B 113 27.63 -5.73 15.64
C GLU B 113 26.22 -6.13 15.18
N MET B 114 25.30 -6.29 16.14
CA MET B 114 23.93 -6.65 15.83
C MET B 114 22.98 -5.47 16.08
N LEU B 115 22.08 -5.21 15.13
CA LEU B 115 21.10 -4.14 15.29
C LEU B 115 19.78 -4.79 15.72
N TYR B 116 19.32 -4.48 16.92
CA TYR B 116 18.06 -5.04 17.40
C TYR B 116 16.95 -3.99 17.31
N LEU B 117 15.72 -4.45 17.13
CA LEU B 117 14.56 -3.56 17.05
C LEU B 117 13.35 -4.18 17.76
N GLU B 118 12.61 -3.35 18.50
CA GLU B 118 11.41 -3.79 19.19
C GLU B 118 10.26 -2.88 18.79
N LEU B 119 9.34 -3.42 18.02
CA LEU B 119 8.17 -2.69 17.52
C LEU B 119 6.95 -2.99 18.39
N THR B 120 6.37 -1.93 18.97
CA THR B 120 5.20 -2.10 19.84
C THR B 120 3.87 -1.48 19.34
N ALA B 121 2.76 -2.09 19.74
CA ALA B 121 1.41 -1.63 19.39
C ALA B 121 0.39 -2.43 20.16
N ARG B 122 -0.49 -1.76 20.92
CA ARG B 122 -1.56 -2.41 21.70
C ARG B 122 -1.23 -3.77 22.34
N ASP B 123 -0.54 -3.84 23.48
CA ASP B 123 -0.24 -5.14 24.10
C ASP B 123 0.73 -6.01 23.27
N ALA B 124 0.78 -5.78 21.96
CA ALA B 124 1.66 -6.59 21.09
C ALA B 124 3.07 -6.04 20.99
N VAL B 125 4.02 -6.92 20.66
CA VAL B 125 5.43 -6.55 20.52
C VAL B 125 6.14 -7.49 19.55
N CYS B 126 6.82 -6.90 18.57
CA CYS B 126 7.54 -7.69 17.56
C CYS B 126 9.04 -7.46 17.66
N GLU B 127 9.83 -8.49 17.39
CA GLU B 127 11.29 -8.38 17.48
C GLU B 127 11.97 -8.80 16.19
N GLN B 128 12.91 -7.97 15.75
CA GLN B 128 13.68 -8.19 14.54
C GLN B 128 15.16 -8.07 14.87
N VAL B 129 15.99 -8.71 14.07
CA VAL B 129 17.44 -8.69 14.27
C VAL B 129 18.15 -8.46 12.93
N PHE B 130 19.30 -7.80 12.99
CA PHE B 130 20.09 -7.49 11.79
C PHE B 130 21.59 -7.51 12.07
N ARG B 131 22.37 -7.62 11.01
CA ARG B 131 23.82 -7.63 11.10
C ARG B 131 24.36 -6.55 10.16
N LYS B 132 25.32 -5.75 10.62
CA LYS B 132 25.87 -4.72 9.74
C LYS B 132 26.91 -5.29 8.79
N VAL B 133 26.75 -5.09 7.49
CA VAL B 133 27.78 -5.58 6.62
C VAL B 133 28.04 -4.48 5.58
N HIS B 134 27.49 -3.29 5.84
CA HIS B 134 27.70 -2.09 5.01
C HIS B 134 28.16 -1.03 5.98
#